data_4RUC
#
_entry.id   4RUC
#
_cell.length_a   94.383
_cell.length_b   103.972
_cell.length_c   52.563
_cell.angle_alpha   90.00
_cell.angle_beta   90.00
_cell.angle_gamma   90.00
#
_symmetry.space_group_name_H-M   'P 21 21 2'
#
loop_
_entity.id
_entity.type
_entity.pdbx_description
1 polymer 'DNA polymerase IV'
2 polymer 'Nucleic acids Template: TCAT(MF7)TAATCCTTCCCCC'
3 polymer 'Nucleic acids Primar:  GGGGGAAGGATTAC'
4 non-polymer "2'-DEOXYADENOSINE 5'-TRIPHOSPHATE"
5 non-polymer 'CALCIUM ION'
6 water water
#
loop_
_entity_poly.entity_id
_entity_poly.type
_entity_poly.pdbx_seq_one_letter_code
_entity_poly.pdbx_strand_id
1 'polypeptide(L)'
;MIVLFVDFDYFYAQVEEVLNPSLKGKPVVVCVFSGRFEDSGAVATANYEARKFGVKAGIPIVEAKKILPNAVYLPMRKEV
YQQVSSRIMNLLREYSEKIEIASIDEAYLDISDKVRDYREAYNLGLEIKNKILEKEKITVTVGISKNKVFAKIAADMAKP
NGIKVIDDEEVKRLIRELDIADVPGIGNITAEKLKKLGINKLVDTLSIEFDKLKGMIGEAKAKYLISLARDEYNEPIRTR
VRKSIGRIVTMKRNSRNLEEIKPYLFRAIEESYYKLDKRIPKAIHVVAVTEDLDIVSRGRTFPHGISKETAYSESVKLLQ
KILEEDERKIRRIGVRFSKFI
;
A
2 'polydeoxyribonucleotide' (DT)(DC)(DA)(DT)(MF7)(DT)(DA)(DA)(DT)(DC)(DC)(DT)(DT)(DC)(DC)(DC)(DC)(DC) T
3 'polydeoxyribonucleotide' (DG)(DG)(DG)(DG)(DG)(DA)(DA)(DG)(DG)(DA)(DT)(DT)(DA)(DC) P
#
# COMPACT_ATOMS: atom_id res chain seq x y z
N MET A 1 -15.48 19.71 -9.02
CA MET A 1 -14.48 19.27 -8.00
C MET A 1 -13.13 19.06 -8.68
N ILE A 2 -12.04 19.47 -8.02
CA ILE A 2 -10.68 19.26 -8.55
C ILE A 2 -9.83 18.53 -7.53
N VAL A 3 -9.34 17.35 -7.92
CA VAL A 3 -8.57 16.49 -7.04
C VAL A 3 -7.13 16.44 -7.54
N LEU A 4 -6.22 16.66 -6.62
CA LEU A 4 -4.79 16.57 -6.88
C LEU A 4 -4.19 15.43 -6.06
N PHE A 5 -3.67 14.42 -6.76
CA PHE A 5 -3.04 13.27 -6.15
C PHE A 5 -1.53 13.39 -6.30
N VAL A 6 -0.83 12.98 -5.24
CA VAL A 6 0.62 13.05 -5.20
C VAL A 6 1.21 11.71 -4.78
N ASP A 7 2.11 11.20 -5.61
CA ASP A 7 2.74 9.91 -5.35
C ASP A 7 4.22 10.15 -5.44
N PHE A 8 4.95 9.75 -4.40
CA PHE A 8 6.40 9.93 -4.38
C PHE A 8 7.03 8.83 -5.23
N ASP A 9 8.20 9.08 -5.79
CA ASP A 9 8.75 8.24 -6.85
C ASP A 9 9.74 7.28 -6.27
N TYR A 10 9.62 6.00 -6.64
CA TYR A 10 10.50 4.94 -6.10
C TYR A 10 10.96 5.23 -4.67
N PHE A 11 9.98 5.54 -3.83
CA PHE A 11 10.17 6.28 -2.61
C PHE A 11 11.26 5.79 -1.69
N TYR A 12 11.22 4.53 -1.27
CA TYR A 12 12.19 4.06 -0.31
C TYR A 12 13.57 4.19 -0.92
N ALA A 13 13.73 3.75 -2.15
CA ALA A 13 15.04 3.84 -2.81
C ALA A 13 15.50 5.29 -2.96
N GLN A 14 14.60 6.18 -3.33
CA GLN A 14 14.92 7.60 -3.44
C GLN A 14 15.38 8.21 -2.13
N VAL A 15 14.75 7.79 -1.05
CA VAL A 15 15.15 8.26 0.25
C VAL A 15 16.54 7.79 0.57
N GLU A 16 16.82 6.53 0.25
CA GLU A 16 18.15 5.95 0.47
C GLU A 16 19.22 6.65 -0.40
N GLU A 17 18.82 7.12 -1.58
CA GLU A 17 19.64 7.99 -2.40
C GLU A 17 19.88 9.34 -1.77
N VAL A 18 18.82 9.95 -1.27
CA VAL A 18 18.90 11.25 -0.63
C VAL A 18 19.88 11.24 0.55
N LEU A 19 19.79 10.20 1.39
CA LEU A 19 20.68 10.03 2.56
C LEU A 19 22.15 9.68 2.25
N ASN A 20 22.43 9.23 1.02
CA ASN A 20 23.78 8.95 0.58
C ASN A 20 23.86 9.15 -0.95
N PRO A 21 23.96 10.42 -1.38
CA PRO A 21 23.81 10.82 -2.79
C PRO A 21 24.72 10.14 -3.80
N SER A 22 25.81 9.53 -3.33
CA SER A 22 26.68 8.71 -4.18
C SER A 22 25.90 7.66 -4.95
N LEU A 23 24.79 7.19 -4.36
CA LEU A 23 23.95 6.15 -4.94
C LEU A 23 23.27 6.53 -6.25
N LYS A 24 23.05 7.81 -6.47
CA LYS A 24 22.44 8.30 -7.69
C LYS A 24 23.20 7.76 -8.88
N GLY A 25 22.47 7.36 -9.92
CA GLY A 25 23.07 6.82 -11.15
C GLY A 25 23.23 5.31 -11.12
N LYS A 26 23.66 4.79 -9.97
CA LYS A 26 23.71 3.34 -9.75
C LYS A 26 22.32 2.70 -9.50
N PRO A 27 22.13 1.45 -9.92
CA PRO A 27 20.90 0.71 -9.57
C PRO A 27 20.84 0.33 -8.09
N VAL A 28 19.78 0.78 -7.40
CA VAL A 28 19.62 0.62 -5.95
C VAL A 28 18.40 -0.22 -5.64
N VAL A 29 18.59 -1.20 -4.78
CA VAL A 29 17.53 -2.16 -4.46
C VAL A 29 17.35 -2.21 -2.96
N VAL A 30 16.17 -1.80 -2.48
CA VAL A 30 15.86 -1.78 -1.05
C VAL A 30 15.13 -3.05 -0.79
N CYS A 31 15.62 -3.84 0.16
CA CYS A 31 15.09 -5.19 0.32
C CYS A 31 15.00 -5.65 1.75
N VAL A 32 14.18 -6.68 1.94
CA VAL A 32 13.77 -7.15 3.23
C VAL A 32 14.32 -8.56 3.49
N PHE A 33 15.40 -8.65 4.27
CA PHE A 33 16.03 -9.96 4.54
C PHE A 33 15.28 -10.72 5.60
N SER A 34 15.00 -11.99 5.35
CA SER A 34 14.15 -12.78 6.20
C SER A 34 14.96 -13.67 7.16
N GLY A 35 16.28 -13.54 7.19
CA GLY A 35 17.10 -14.23 8.19
C GLY A 35 17.23 -15.76 8.10
N ARG A 36 16.70 -16.38 7.05
CA ARG A 36 16.81 -17.85 6.89
C ARG A 36 18.21 -18.22 6.39
N PHE A 37 18.38 -18.39 5.09
CA PHE A 37 19.70 -18.49 4.46
C PHE A 37 20.15 -17.08 4.05
N GLU A 38 21.38 -16.95 3.56
CA GLU A 38 21.88 -15.65 3.14
C GLU A 38 21.10 -15.18 1.92
N ASP A 39 20.72 -13.90 1.93
CA ASP A 39 19.94 -13.29 0.84
C ASP A 39 18.56 -13.89 0.67
N SER A 40 18.01 -14.49 1.74
CA SER A 40 16.64 -14.95 1.74
C SER A 40 15.85 -13.70 1.99
N GLY A 41 14.82 -13.48 1.20
CA GLY A 41 14.02 -12.29 1.33
C GLY A 41 13.32 -11.88 0.07
N ALA A 42 12.83 -10.64 0.07
CA ALA A 42 12.21 -10.04 -1.11
C ALA A 42 12.65 -8.59 -1.28
N VAL A 43 12.39 -8.07 -2.48
CA VAL A 43 12.60 -6.67 -2.79
C VAL A 43 11.41 -5.82 -2.37
N ALA A 44 11.67 -4.78 -1.58
CA ALA A 44 10.64 -3.83 -1.21
C ALA A 44 10.42 -2.90 -2.37
N THR A 45 11.50 -2.33 -2.88
CA THR A 45 11.44 -1.53 -4.11
C THR A 45 12.81 -1.38 -4.68
N ALA A 46 12.85 -0.83 -5.90
CA ALA A 46 14.11 -0.47 -6.53
C ALA A 46 13.96 0.83 -7.31
N ASN A 47 15.05 1.56 -7.54
CA ASN A 47 14.98 2.74 -8.39
C ASN A 47 14.79 2.41 -9.88
N TYR A 48 14.68 3.41 -10.74
CA TYR A 48 14.40 3.17 -12.17
C TYR A 48 15.56 2.50 -12.88
N GLU A 49 16.77 2.67 -12.34
CA GLU A 49 17.94 2.00 -12.90
C GLU A 49 17.73 0.52 -12.83
N ALA A 50 17.46 0.02 -11.64
CA ALA A 50 17.21 -1.42 -11.45
C ALA A 50 15.93 -1.92 -12.12
N ARG A 51 14.92 -1.09 -12.13
CA ARG A 51 13.63 -1.52 -12.63
C ARG A 51 13.59 -1.72 -14.13
N LYS A 52 14.44 -1.01 -14.86
CA LYS A 52 14.64 -1.24 -16.30
C LYS A 52 14.95 -2.69 -16.64
N PHE A 53 15.68 -3.36 -15.77
CA PHE A 53 16.01 -4.75 -16.00
C PHE A 53 15.09 -5.77 -15.30
N GLY A 54 13.83 -5.45 -15.06
CA GLY A 54 12.92 -6.42 -14.40
C GLY A 54 13.03 -6.60 -12.88
N VAL A 55 13.90 -5.85 -12.22
CA VAL A 55 14.02 -5.89 -10.78
C VAL A 55 12.97 -4.98 -10.12
N LYS A 56 11.88 -5.56 -9.62
CA LYS A 56 10.82 -4.79 -8.99
C LYS A 56 10.49 -5.38 -7.63
N ALA A 57 9.45 -4.82 -7.01
CA ALA A 57 8.98 -5.27 -5.70
C ALA A 57 8.36 -6.65 -5.74
N GLY A 58 8.59 -7.44 -4.69
CA GLY A 58 8.06 -8.78 -4.61
C GLY A 58 9.00 -9.88 -5.10
N ILE A 59 9.87 -9.57 -6.04
CA ILE A 59 10.74 -10.58 -6.55
C ILE A 59 11.73 -10.92 -5.45
N PRO A 60 12.20 -12.16 -5.41
CA PRO A 60 13.14 -12.53 -4.38
C PRO A 60 14.45 -11.86 -4.60
N ILE A 61 15.18 -11.68 -3.52
CA ILE A 61 16.48 -11.05 -3.57
C ILE A 61 17.47 -11.90 -4.37
N VAL A 62 17.23 -13.20 -4.42
CA VAL A 62 18.10 -14.09 -5.17
C VAL A 62 17.92 -13.88 -6.68
N GLU A 63 16.68 -13.74 -7.15
CA GLU A 63 16.43 -13.43 -8.57
C GLU A 63 17.07 -12.11 -8.95
N ALA A 64 17.02 -11.15 -8.05
CA ALA A 64 17.58 -9.84 -8.33
C ALA A 64 19.10 -9.89 -8.45
N LYS A 65 19.74 -10.63 -7.56
CA LYS A 65 21.20 -10.77 -7.62
C LYS A 65 21.71 -11.57 -8.84
N LYS A 66 20.85 -12.40 -9.43
CA LYS A 66 21.16 -13.06 -10.68
C LYS A 66 21.13 -12.06 -11.83
N ILE A 67 20.22 -11.11 -11.76
CA ILE A 67 20.04 -10.09 -12.79
C ILE A 67 21.06 -8.98 -12.64
N LEU A 68 21.25 -8.49 -11.43
CA LEU A 68 22.14 -7.36 -11.18
C LEU A 68 23.03 -7.67 -10.00
N PRO A 69 24.00 -8.58 -10.19
CA PRO A 69 24.91 -8.91 -9.12
C PRO A 69 25.66 -7.74 -8.54
N ASN A 70 25.89 -6.69 -9.34
CA ASN A 70 26.66 -5.51 -8.90
C ASN A 70 25.82 -4.27 -8.56
N ALA A 71 24.51 -4.44 -8.36
CA ALA A 71 23.68 -3.38 -7.83
C ALA A 71 23.85 -3.24 -6.31
N VAL A 72 23.50 -2.08 -5.79
CA VAL A 72 23.61 -1.84 -4.35
C VAL A 72 22.37 -2.36 -3.68
N TYR A 73 22.58 -3.22 -2.67
CA TYR A 73 21.48 -3.87 -1.95
C TYR A 73 21.46 -3.37 -0.52
N LEU A 74 20.29 -2.86 -0.10
CA LEU A 74 20.17 -2.17 1.20
C LEU A 74 19.00 -2.68 1.99
N PRO A 75 19.20 -2.85 3.30
CA PRO A 75 18.08 -3.27 4.14
C PRO A 75 17.10 -2.13 4.33
N MET A 76 15.84 -2.53 4.47
CA MET A 76 14.75 -1.60 4.71
C MET A 76 14.80 -0.94 6.10
N ARG A 77 14.54 0.38 6.11
CA ARG A 77 14.50 1.26 7.28
C ARG A 77 13.23 2.12 7.27
N LYS A 78 12.10 1.46 7.52
CA LYS A 78 10.79 2.07 7.31
C LYS A 78 10.54 3.33 8.17
N GLU A 79 11.01 3.28 9.41
CA GLU A 79 10.88 4.37 10.38
C GLU A 79 11.50 5.66 9.88
N VAL A 80 12.64 5.54 9.22
CA VAL A 80 13.29 6.69 8.56
C VAL A 80 12.41 7.22 7.42
N TYR A 81 11.91 6.32 6.59
CA TYR A 81 11.10 6.73 5.44
C TYR A 81 9.79 7.31 5.94
N GLN A 82 9.33 6.77 7.08
CA GLN A 82 8.12 7.23 7.70
C GLN A 82 8.24 8.66 8.16
N GLN A 83 9.35 8.96 8.83
CA GLN A 83 9.58 10.33 9.28
C GLN A 83 9.73 11.30 8.14
N VAL A 84 10.45 10.90 7.10
CA VAL A 84 10.53 11.75 5.93
C VAL A 84 9.15 11.96 5.28
N SER A 85 8.35 10.90 5.21
CA SER A 85 7.00 11.00 4.61
C SER A 85 6.11 12.01 5.38
N SER A 86 6.12 11.92 6.71
CA SER A 86 5.38 12.83 7.58
C SER A 86 5.70 14.27 7.25
N ARG A 87 6.99 14.56 7.07
CA ARG A 87 7.41 15.92 6.78
C ARG A 87 6.89 16.39 5.45
N ILE A 88 6.90 15.52 4.46
CA ILE A 88 6.41 15.92 3.14
C ILE A 88 4.91 16.15 3.21
N MET A 89 4.22 15.31 3.94
CA MET A 89 2.77 15.49 4.11
C MET A 89 2.44 16.85 4.69
N ASN A 90 3.24 17.32 5.64
CA ASN A 90 3.01 18.65 6.20
C ASN A 90 3.17 19.77 5.22
N LEU A 91 4.03 19.64 4.22
CA LEU A 91 4.11 20.69 3.19
C LEU A 91 2.82 20.77 2.43
N LEU A 92 2.31 19.61 2.03
CA LEU A 92 1.11 19.51 1.22
C LEU A 92 -0.05 20.03 2.03
N ARG A 93 0.02 19.85 3.35
CA ARG A 93 -1.02 20.32 4.26
C ARG A 93 -1.18 21.84 4.26
N GLU A 94 -0.18 22.54 3.73
CA GLU A 94 -0.20 23.98 3.64
C GLU A 94 -0.65 24.42 2.26
N TYR A 95 -1.23 23.51 1.51
CA TYR A 95 -1.88 23.83 0.25
C TYR A 95 -3.37 23.49 0.26
N SER A 96 -3.82 22.74 1.28
CA SER A 96 -5.23 22.55 1.58
C SER A 96 -5.35 21.84 2.92
N GLU A 97 -6.44 22.06 3.63
CA GLU A 97 -6.67 21.33 4.88
C GLU A 97 -7.46 20.05 4.58
N LYS A 98 -8.03 19.99 3.38
CA LYS A 98 -8.68 18.80 2.85
C LYS A 98 -7.67 17.86 2.20
N ILE A 99 -7.20 16.89 2.99
CA ILE A 99 -6.11 16.03 2.61
C ILE A 99 -6.31 14.61 3.16
N GLU A 100 -6.19 13.63 2.28
CA GLU A 100 -6.31 12.23 2.62
C GLU A 100 -4.95 11.57 2.43
N ILE A 101 -4.24 11.36 3.52
CA ILE A 101 -3.02 10.59 3.48
C ILE A 101 -3.38 9.13 3.37
N ALA A 102 -3.29 8.61 2.15
CA ALA A 102 -3.67 7.26 1.82
C ALA A 102 -2.66 6.20 2.27
N SER A 103 -1.40 6.57 2.35
CA SER A 103 -0.32 5.61 2.58
C SER A 103 0.92 6.41 2.79
N ILE A 104 2.03 5.73 2.99
CA ILE A 104 3.32 6.41 3.18
C ILE A 104 3.82 7.21 2.00
N ASP A 105 3.26 6.96 0.83
CA ASP A 105 3.79 7.39 -0.45
C ASP A 105 2.81 8.28 -1.20
N GLU A 106 1.56 8.35 -0.75
CA GLU A 106 0.46 8.89 -1.54
C GLU A 106 -0.40 9.78 -0.70
N ALA A 107 -0.97 10.80 -1.33
CA ALA A 107 -1.94 11.67 -0.71
C ALA A 107 -2.77 12.36 -1.80
N TYR A 108 -4.04 12.61 -1.50
CA TYR A 108 -4.90 13.36 -2.38
C TYR A 108 -5.25 14.66 -1.71
N LEU A 109 -5.46 15.69 -2.52
CA LEU A 109 -5.86 17.01 -2.03
C LEU A 109 -7.05 17.50 -2.81
N ASP A 110 -8.12 17.85 -2.08
CA ASP A 110 -9.20 18.66 -2.61
C ASP A 110 -8.69 20.09 -2.72
N ILE A 111 -8.61 20.59 -3.94
CA ILE A 111 -8.20 21.97 -4.15
C ILE A 111 -9.26 22.75 -4.92
N SER A 112 -10.52 22.34 -4.79
CA SER A 112 -11.63 22.99 -5.47
C SER A 112 -11.73 24.42 -4.97
N ASP A 113 -11.65 24.58 -3.65
CA ASP A 113 -11.70 25.88 -2.96
C ASP A 113 -10.35 26.59 -2.88
N LYS A 114 -9.55 26.51 -3.94
CA LYS A 114 -8.17 27.06 -3.94
C LYS A 114 -7.82 27.55 -5.32
N VAL A 115 -7.95 26.66 -6.29
CA VAL A 115 -7.83 27.00 -7.70
C VAL A 115 -9.19 26.84 -8.37
N ARG A 116 -9.27 27.33 -9.60
CA ARG A 116 -10.55 27.59 -10.24
C ARG A 116 -10.71 26.92 -11.60
N ASP A 117 -9.63 26.40 -12.17
CA ASP A 117 -9.73 25.57 -13.37
C ASP A 117 -8.45 24.73 -13.54
N TYR A 118 -8.41 23.94 -14.60
CA TYR A 118 -7.35 22.95 -14.77
C TYR A 118 -5.97 23.54 -15.12
N ARG A 119 -5.92 24.79 -15.59
CA ARG A 119 -4.64 25.47 -15.78
C ARG A 119 -4.02 25.86 -14.44
N GLU A 120 -4.81 26.52 -13.61
CA GLU A 120 -4.36 26.92 -12.27
C GLU A 120 -3.96 25.74 -11.42
N ALA A 121 -4.62 24.63 -11.69
CA ALA A 121 -4.32 23.35 -11.06
C ALA A 121 -2.92 22.87 -11.42
N TYR A 122 -2.67 22.86 -12.74
CA TYR A 122 -1.35 22.51 -13.29
C TYR A 122 -0.27 23.36 -12.64
N ASN A 123 -0.51 24.65 -12.50
CA ASN A 123 0.47 25.55 -11.84
C ASN A 123 0.70 25.17 -10.41
N LEU A 124 -0.39 24.89 -9.71
CA LEU A 124 -0.31 24.48 -8.32
C LEU A 124 0.48 23.18 -8.21
N GLY A 125 0.29 22.30 -9.20
CA GLY A 125 1.03 21.06 -9.29
C GLY A 125 2.52 21.23 -9.31
N LEU A 126 2.99 22.03 -10.26
CA LEU A 126 4.43 22.30 -10.42
C LEU A 126 5.00 22.94 -9.18
N GLU A 127 4.35 23.97 -8.68
CA GLU A 127 4.91 24.65 -7.53
C GLU A 127 4.92 23.76 -6.29
N ILE A 128 4.11 22.69 -6.26
CA ILE A 128 4.20 21.68 -5.18
C ILE A 128 5.35 20.70 -5.40
N LYS A 129 5.46 20.19 -6.62
CA LYS A 129 6.63 19.41 -7.01
C LYS A 129 7.88 20.17 -6.68
N ASN A 130 7.92 21.40 -7.17
CA ASN A 130 9.06 22.30 -7.03
C ASN A 130 9.49 22.48 -5.60
N LYS A 131 8.50 22.51 -4.73
CA LYS A 131 8.67 22.69 -3.31
C LYS A 131 9.28 21.49 -2.65
N ILE A 132 8.72 20.31 -2.92
CA ILE A 132 9.16 19.07 -2.27
C ILE A 132 10.55 18.77 -2.79
N LEU A 133 10.81 19.23 -4.00
CA LEU A 133 12.15 19.07 -4.54
C LEU A 133 13.12 19.93 -3.81
N GLU A 134 12.71 21.16 -3.52
CA GLU A 134 13.55 22.11 -2.81
C GLU A 134 13.72 21.69 -1.36
N LYS A 135 12.61 21.64 -0.66
CA LYS A 135 12.63 21.38 0.78
C LYS A 135 13.20 20.03 1.16
N GLU A 136 12.88 18.99 0.38
CA GLU A 136 13.24 17.60 0.75
C GLU A 136 14.01 16.79 -0.30
N LYS A 137 14.25 17.34 -1.47
CA LYS A 137 15.08 16.68 -2.50
C LYS A 137 14.46 15.39 -2.98
N ILE A 138 13.12 15.37 -3.03
CA ILE A 138 12.38 14.20 -3.43
C ILE A 138 11.53 14.52 -4.66
N THR A 139 11.67 13.68 -5.67
CA THR A 139 10.81 13.63 -6.84
C THR A 139 9.49 12.95 -6.54
N VAL A 140 8.42 13.61 -6.97
CA VAL A 140 7.07 13.05 -6.94
C VAL A 140 6.41 13.16 -8.32
N THR A 141 5.27 12.49 -8.46
CA THR A 141 4.45 12.59 -9.64
C THR A 141 3.12 13.06 -9.17
N VAL A 142 2.48 13.88 -10.02
CA VAL A 142 1.26 14.55 -9.70
C VAL A 142 0.20 14.23 -10.73
N GLY A 143 -1.01 13.91 -10.27
CA GLY A 143 -2.12 13.58 -11.15
C GLY A 143 -3.33 14.39 -10.72
N ILE A 144 -4.06 14.91 -11.71
CA ILE A 144 -5.16 15.84 -11.45
C ILE A 144 -6.34 15.49 -12.32
N SER A 145 -7.50 15.39 -11.65
CA SER A 145 -8.79 15.24 -12.33
C SER A 145 -9.96 15.55 -11.40
N LYS A 146 -11.15 15.08 -11.74
CA LYS A 146 -12.38 15.44 -11.01
C LYS A 146 -12.72 14.57 -9.81
N ASN A 147 -12.12 13.39 -9.76
CA ASN A 147 -12.28 12.53 -8.60
C ASN A 147 -10.94 11.91 -8.26
N LYS A 148 -10.92 11.16 -7.16
CA LYS A 148 -9.70 10.53 -6.72
C LYS A 148 -9.18 9.48 -7.68
N VAL A 149 -10.07 8.67 -8.22
CA VAL A 149 -9.68 7.52 -9.02
C VAL A 149 -8.97 7.99 -10.26
N PHE A 150 -9.54 8.94 -10.98
CA PHE A 150 -8.89 9.44 -12.21
C PHE A 150 -7.64 10.24 -11.93
N ALA A 151 -7.62 10.98 -10.82
CA ALA A 151 -6.37 11.64 -10.41
C ALA A 151 -5.23 10.61 -10.19
N LYS A 152 -5.52 9.50 -9.54
CA LYS A 152 -4.56 8.42 -9.40
C LYS A 152 -4.14 7.81 -10.74
N ILE A 153 -5.09 7.57 -11.61
CA ILE A 153 -4.77 7.03 -12.92
C ILE A 153 -3.86 7.99 -13.67
N ALA A 154 -4.16 9.27 -13.56
CA ALA A 154 -3.38 10.30 -14.24
C ALA A 154 -1.94 10.18 -13.86
N ALA A 155 -1.70 10.04 -12.56
CA ALA A 155 -0.36 9.93 -12.03
C ALA A 155 0.35 8.70 -12.53
N ASP A 156 -0.35 7.57 -12.59
CA ASP A 156 0.28 6.34 -13.07
C ASP A 156 0.80 6.45 -14.48
N MET A 157 0.06 7.16 -15.33
CA MET A 157 0.50 7.43 -16.70
C MET A 157 1.74 8.33 -16.76
N ALA A 158 1.78 9.31 -15.87
CA ALA A 158 2.77 10.33 -15.86
C ALA A 158 4.11 9.96 -15.26
N LYS A 159 4.20 8.88 -14.51
CA LYS A 159 5.40 8.63 -13.72
C LYS A 159 6.53 8.10 -14.60
N PRO A 160 7.80 8.39 -14.27
CA PRO A 160 8.22 9.16 -13.07
C PRO A 160 8.32 10.66 -13.30
N ASN A 161 8.55 11.40 -12.22
CA ASN A 161 8.64 12.85 -12.21
C ASN A 161 7.62 13.60 -13.09
N GLY A 162 6.44 13.01 -13.24
CA GLY A 162 5.43 13.55 -14.11
C GLY A 162 4.39 14.42 -13.44
N ILE A 163 3.59 15.03 -14.31
CA ILE A 163 2.37 15.71 -13.96
C ILE A 163 1.41 15.59 -15.14
N LYS A 164 0.16 15.30 -14.86
CA LYS A 164 -0.84 15.07 -15.89
C LYS A 164 -2.21 15.57 -15.43
N VAL A 165 -2.98 16.05 -16.40
CA VAL A 165 -4.35 16.44 -16.17
C VAL A 165 -5.24 15.60 -17.06
N ILE A 166 -6.27 15.04 -16.44
CA ILE A 166 -7.31 14.40 -17.20
C ILE A 166 -8.51 15.31 -17.02
N ASP A 167 -8.74 16.14 -18.04
CA ASP A 167 -9.92 16.99 -18.10
C ASP A 167 -11.17 16.14 -18.38
N ASP A 168 -12.35 16.70 -18.09
CA ASP A 168 -13.63 15.97 -18.20
C ASP A 168 -13.89 15.28 -19.54
N GLU A 169 -13.10 15.60 -20.56
CA GLU A 169 -13.24 15.08 -21.92
C GLU A 169 -12.49 13.77 -22.10
N GLU A 170 -11.30 13.71 -21.52
CA GLU A 170 -10.45 12.55 -21.60
C GLU A 170 -10.92 11.43 -20.68
N VAL A 171 -11.62 11.80 -19.60
CA VAL A 171 -12.27 10.82 -18.72
C VAL A 171 -13.25 10.00 -19.55
N LYS A 172 -14.08 10.71 -20.30
CA LYS A 172 -15.07 10.10 -21.20
C LYS A 172 -14.42 9.12 -22.15
N ARG A 173 -13.27 9.50 -22.70
CA ARG A 173 -12.52 8.60 -23.57
C ARG A 173 -11.94 7.39 -22.83
N LEU A 174 -11.41 7.62 -21.62
CA LEU A 174 -10.85 6.53 -20.79
C LEU A 174 -11.85 5.51 -20.27
N ILE A 175 -13.07 5.96 -20.00
CA ILE A 175 -14.15 5.03 -19.68
C ILE A 175 -14.35 4.01 -20.80
N ARG A 176 -14.05 4.42 -22.03
CA ARG A 176 -14.19 3.56 -23.20
C ARG A 176 -12.91 2.78 -23.52
N GLU A 177 -11.76 3.39 -23.33
CA GLU A 177 -10.54 2.79 -23.85
C GLU A 177 -9.52 2.30 -22.84
N LEU A 178 -9.78 2.45 -21.54
CA LEU A 178 -8.87 1.93 -20.51
C LEU A 178 -9.25 0.54 -20.06
N ASP A 179 -8.22 -0.31 -19.92
CA ASP A 179 -8.41 -1.69 -19.47
C ASP A 179 -8.90 -1.66 -18.04
N ILE A 180 -9.83 -2.55 -17.75
CA ILE A 180 -10.41 -2.63 -16.44
C ILE A 180 -9.34 -3.03 -15.39
N ALA A 181 -8.30 -3.75 -15.85
CA ALA A 181 -7.21 -4.19 -14.99
C ALA A 181 -6.33 -3.04 -14.49
N ASP A 182 -6.40 -1.89 -15.17
CA ASP A 182 -5.63 -0.71 -14.80
C ASP A 182 -6.45 0.28 -13.94
N VAL A 183 -7.59 -0.18 -13.46
CA VAL A 183 -8.38 0.58 -12.51
C VAL A 183 -7.95 0.25 -11.07
N PRO A 184 -7.82 1.28 -10.23
CA PRO A 184 -7.50 1.08 -8.82
C PRO A 184 -8.53 0.25 -8.17
N GLY A 185 -8.09 -0.77 -7.45
CA GLY A 185 -9.00 -1.70 -6.82
C GLY A 185 -9.24 -2.98 -7.60
N ILE A 186 -8.73 -3.10 -8.82
CA ILE A 186 -8.98 -4.27 -9.66
C ILE A 186 -7.70 -5.06 -9.76
N GLY A 187 -7.49 -5.96 -8.80
CA GLY A 187 -6.27 -6.80 -8.74
C GLY A 187 -6.44 -7.92 -9.72
N ASN A 188 -5.57 -8.94 -9.66
CA ASN A 188 -5.67 -10.04 -10.64
C ASN A 188 -7.01 -10.74 -10.55
N ILE A 189 -7.32 -11.29 -9.39
CA ILE A 189 -8.52 -12.08 -9.20
C ILE A 189 -9.78 -11.43 -9.72
N THR A 190 -9.96 -10.13 -9.46
CA THR A 190 -11.13 -9.41 -10.06
C THR A 190 -11.03 -9.31 -11.59
N ALA A 191 -9.88 -8.94 -12.11
CA ALA A 191 -9.70 -8.79 -13.57
C ALA A 191 -10.05 -10.03 -14.38
N GLU A 192 -9.81 -11.22 -13.81
CA GLU A 192 -10.07 -12.49 -14.51
C GLU A 192 -11.54 -12.90 -14.42
N LYS A 193 -12.20 -12.45 -13.36
CA LYS A 193 -13.65 -12.60 -13.26
C LYS A 193 -14.37 -11.67 -14.21
N LEU A 194 -13.75 -10.56 -14.56
CA LEU A 194 -14.38 -9.60 -15.45
C LEU A 194 -14.14 -9.92 -16.90
N LYS A 195 -13.05 -10.60 -17.21
CA LYS A 195 -12.87 -11.07 -18.58
C LYS A 195 -13.88 -12.17 -18.92
N LYS A 196 -14.24 -12.99 -17.92
CA LYS A 196 -15.18 -14.12 -18.09
C LYS A 196 -16.59 -13.64 -18.30
N LEU A 197 -16.94 -12.56 -17.61
CA LEU A 197 -18.20 -11.88 -17.86
C LEU A 197 -18.11 -10.99 -19.12
N GLY A 198 -16.97 -10.99 -19.80
CA GLY A 198 -16.79 -10.21 -21.01
C GLY A 198 -16.74 -8.73 -20.78
N ILE A 199 -15.94 -8.30 -19.80
CA ILE A 199 -15.78 -6.90 -19.46
C ILE A 199 -14.29 -6.59 -19.46
N ASN A 200 -13.86 -5.89 -20.49
CA ASN A 200 -12.45 -5.55 -20.61
C ASN A 200 -12.22 -4.05 -20.50
N LYS A 201 -13.27 -3.26 -20.70
CA LYS A 201 -13.19 -1.84 -20.53
C LYS A 201 -14.24 -1.42 -19.52
N LEU A 202 -14.07 -0.22 -18.98
CA LEU A 202 -14.94 0.26 -17.92
C LEU A 202 -16.38 0.25 -18.33
N VAL A 203 -16.62 0.68 -19.57
CA VAL A 203 -17.99 0.85 -20.11
C VAL A 203 -18.80 -0.45 -20.20
N ASP A 204 -18.13 -1.57 -20.43
CA ASP A 204 -18.83 -2.86 -20.54
C ASP A 204 -19.57 -3.29 -19.27
N THR A 205 -19.36 -2.58 -18.16
CA THR A 205 -20.10 -2.83 -16.93
C THR A 205 -21.58 -2.47 -17.03
N LEU A 206 -21.91 -1.59 -17.98
CA LEU A 206 -23.26 -1.10 -18.14
C LEU A 206 -24.08 -2.18 -18.88
N SER A 207 -23.48 -2.70 -19.94
CA SER A 207 -23.95 -3.90 -20.65
C SER A 207 -24.64 -5.04 -19.84
N ILE A 208 -24.23 -5.24 -18.59
CA ILE A 208 -24.63 -6.43 -17.84
C ILE A 208 -25.65 -6.11 -16.73
N GLU A 209 -26.51 -7.08 -16.43
CA GLU A 209 -27.44 -6.93 -15.33
C GLU A 209 -26.63 -6.78 -14.06
N PHE A 210 -26.82 -5.66 -13.36
CA PHE A 210 -26.23 -5.41 -12.06
C PHE A 210 -26.15 -6.66 -11.20
N ASP A 211 -27.26 -7.35 -11.10
CA ASP A 211 -27.41 -8.41 -10.14
C ASP A 211 -26.51 -9.61 -10.41
N LYS A 212 -26.07 -9.77 -11.66
CA LYS A 212 -25.07 -10.80 -12.02
C LYS A 212 -23.66 -10.34 -11.65
N LEU A 213 -23.39 -9.08 -11.94
CA LEU A 213 -22.12 -8.46 -11.56
C LEU A 213 -21.88 -8.54 -10.06
N LYS A 214 -22.94 -8.24 -9.30
CA LYS A 214 -22.95 -8.42 -7.85
C LYS A 214 -22.65 -9.84 -7.42
N GLY A 215 -23.08 -10.80 -8.22
CA GLY A 215 -22.86 -12.19 -7.92
C GLY A 215 -21.41 -12.55 -8.06
N MET A 216 -20.84 -12.13 -9.17
CA MET A 216 -19.47 -12.51 -9.51
C MET A 216 -18.40 -11.83 -8.62
N ILE A 217 -18.56 -10.52 -8.40
CA ILE A 217 -17.53 -9.71 -7.75
C ILE A 217 -17.98 -8.96 -6.53
N GLY A 218 -19.22 -9.14 -6.09
CA GLY A 218 -19.72 -8.45 -4.90
C GLY A 218 -20.38 -7.13 -5.21
N GLU A 219 -21.27 -6.70 -4.32
CA GLU A 219 -22.07 -5.51 -4.52
C GLU A 219 -21.21 -4.25 -4.55
N ALA A 220 -20.29 -4.15 -3.59
CA ALA A 220 -19.53 -2.94 -3.39
C ALA A 220 -18.68 -2.59 -4.58
N LYS A 221 -18.01 -3.59 -5.16
CA LYS A 221 -17.21 -3.40 -6.37
C LYS A 221 -18.05 -3.13 -7.58
N ALA A 222 -19.18 -3.82 -7.63
CA ALA A 222 -20.12 -3.62 -8.69
C ALA A 222 -20.54 -2.17 -8.74
N LYS A 223 -21.01 -1.67 -7.61
CA LYS A 223 -21.47 -0.28 -7.54
C LYS A 223 -20.37 0.74 -7.87
N TYR A 224 -19.20 0.50 -7.30
CA TYR A 224 -18.01 1.29 -7.57
C TYR A 224 -17.69 1.33 -9.06
N LEU A 225 -17.61 0.17 -9.68
CA LEU A 225 -17.30 0.14 -11.10
C LEU A 225 -18.40 0.75 -11.97
N ILE A 226 -19.66 0.49 -11.60
CA ILE A 226 -20.79 1.08 -12.29
C ILE A 226 -20.74 2.59 -12.19
N SER A 227 -20.71 3.15 -10.98
CA SER A 227 -20.62 4.60 -10.81
C SER A 227 -19.46 5.23 -11.57
N LEU A 228 -18.33 4.54 -11.56
CA LEU A 228 -17.19 5.02 -12.31
C LEU A 228 -17.45 5.15 -13.78
N ALA A 229 -18.11 4.16 -14.36
CA ALA A 229 -18.37 4.16 -15.83
C ALA A 229 -19.45 5.16 -16.26
N ARG A 230 -20.28 5.61 -15.32
CA ARG A 230 -21.33 6.60 -15.57
C ARG A 230 -20.88 8.04 -15.32
N ASP A 231 -19.58 8.26 -15.12
CA ASP A 231 -19.04 9.57 -14.75
C ASP A 231 -19.69 10.09 -13.46
N GLU A 232 -20.10 9.16 -12.59
CA GLU A 232 -20.87 9.48 -11.40
C GLU A 232 -20.12 9.25 -10.12
N TYR A 233 -18.90 8.74 -10.22
CA TYR A 233 -18.12 8.44 -9.03
C TYR A 233 -17.64 9.74 -8.38
N ASN A 234 -17.77 9.88 -7.06
CA ASN A 234 -17.34 11.12 -6.47
C ASN A 234 -17.10 11.10 -4.97
N GLU A 235 -16.27 10.18 -4.50
CA GLU A 235 -16.06 10.06 -3.07
C GLU A 235 -15.29 11.25 -2.55
N PRO A 236 -15.66 11.72 -1.35
CA PRO A 236 -15.01 12.90 -0.80
C PRO A 236 -13.61 12.58 -0.28
N ILE A 237 -12.78 13.60 -0.18
CA ILE A 237 -11.39 13.49 0.29
C ILE A 237 -11.47 13.68 1.76
N ARG A 238 -11.19 12.63 2.51
CA ARG A 238 -11.38 12.67 3.94
C ARG A 238 -10.18 12.10 4.65
N THR A 239 -9.91 12.68 5.80
CA THR A 239 -8.82 12.25 6.66
C THR A 239 -9.01 10.79 6.96
N ARG A 240 -7.97 10.06 7.32
CA ARG A 240 -8.18 8.67 7.71
C ARG A 240 -7.30 8.27 8.87
N VAL A 241 -7.94 7.69 9.89
CA VAL A 241 -7.25 7.28 11.10
C VAL A 241 -6.90 5.80 10.97
N ARG A 242 -5.70 5.43 11.45
CA ARG A 242 -5.30 4.04 11.42
C ARG A 242 -6.13 3.21 12.42
N LYS A 243 -6.64 2.10 11.90
CA LYS A 243 -7.57 1.23 12.59
C LYS A 243 -6.94 -0.04 13.12
N SER A 244 -5.67 -0.26 12.82
CA SER A 244 -5.07 -1.56 13.02
C SER A 244 -3.55 -1.46 13.04
N ILE A 245 -2.92 -2.11 14.01
CA ILE A 245 -1.45 -2.15 14.08
C ILE A 245 -1.00 -3.52 14.48
N GLY A 246 0.09 -3.97 13.89
CA GLY A 246 0.56 -5.30 14.19
C GLY A 246 1.84 -5.59 13.49
N ARG A 247 2.30 -6.83 13.60
CA ARG A 247 3.58 -7.20 12.98
C ARG A 247 3.78 -8.70 12.84
N ILE A 248 4.22 -9.14 11.65
CA ILE A 248 4.55 -10.54 11.41
C ILE A 248 6.04 -10.66 11.15
N VAL A 249 6.60 -11.77 11.62
CA VAL A 249 8.00 -12.08 11.41
C VAL A 249 8.08 -13.46 10.81
N THR A 250 9.20 -13.72 10.11
CA THR A 250 9.51 -15.04 9.57
C THR A 250 10.38 -15.74 10.58
N MET A 251 10.16 -17.03 10.78
CA MET A 251 11.00 -17.83 11.64
C MET A 251 12.17 -18.37 10.83
N LYS A 252 13.35 -18.50 11.43
CA LYS A 252 14.50 -19.16 10.75
C LYS A 252 14.10 -20.45 10.09
N ARG A 253 13.23 -21.21 10.74
CA ARG A 253 12.68 -22.38 10.10
C ARG A 253 11.26 -22.67 10.51
N ASN A 254 10.58 -23.46 9.70
CA ASN A 254 9.21 -23.87 9.96
C ASN A 254 9.13 -24.80 11.14
N SER A 255 7.92 -24.90 11.69
CA SER A 255 7.70 -25.55 12.99
C SER A 255 6.23 -25.69 13.29
N ARG A 256 5.93 -26.66 14.15
CA ARG A 256 4.66 -26.77 14.84
C ARG A 256 4.84 -26.82 16.36
N ASN A 257 6.07 -26.72 16.83
CA ASN A 257 6.29 -26.78 18.26
C ASN A 257 5.94 -25.44 18.92
N LEU A 258 5.01 -25.51 19.87
CA LEU A 258 4.57 -24.32 20.60
C LEU A 258 5.73 -23.47 21.14
N GLU A 259 6.66 -24.13 21.81
CA GLU A 259 7.75 -23.44 22.47
C GLU A 259 8.75 -22.86 21.51
N GLU A 260 8.82 -23.43 20.31
CA GLU A 260 9.75 -22.94 19.28
C GLU A 260 9.23 -21.66 18.64
N ILE A 261 7.90 -21.57 18.52
CA ILE A 261 7.22 -20.46 17.88
C ILE A 261 6.93 -19.28 18.84
N LYS A 262 6.69 -19.58 20.11
CA LYS A 262 6.45 -18.53 21.13
C LYS A 262 7.37 -17.29 21.09
N PRO A 263 8.69 -17.49 21.13
CA PRO A 263 9.56 -16.31 21.14
C PRO A 263 9.39 -15.42 19.90
N TYR A 264 9.17 -16.02 18.74
CA TYR A 264 8.94 -15.22 17.54
C TYR A 264 7.71 -14.35 17.75
N LEU A 265 6.68 -14.97 18.32
CA LEU A 265 5.40 -14.35 18.57
C LEU A 265 5.48 -13.26 19.65
N PHE A 266 6.18 -13.53 20.74
CA PHE A 266 6.31 -12.52 21.78
C PHE A 266 7.05 -11.28 21.30
N ARG A 267 8.08 -11.49 20.50
CA ARG A 267 8.77 -10.39 19.84
C ARG A 267 7.80 -9.58 18.94
N ALA A 268 6.93 -10.27 18.22
CA ALA A 268 5.94 -9.60 17.39
C ALA A 268 5.04 -8.70 18.23
N ILE A 269 4.60 -9.22 19.37
CA ILE A 269 3.76 -8.48 20.32
C ILE A 269 4.45 -7.24 20.88
N GLU A 270 5.69 -7.36 21.30
CA GLU A 270 6.39 -6.22 21.89
C GLU A 270 6.57 -5.13 20.89
N GLU A 271 7.01 -5.47 19.68
CA GLU A 271 7.13 -4.45 18.63
C GLU A 271 5.80 -3.77 18.35
N SER A 272 4.73 -4.54 18.42
CA SER A 272 3.40 -4.02 18.25
C SER A 272 2.99 -3.04 19.33
N TYR A 273 3.20 -3.40 20.60
CA TYR A 273 2.83 -2.51 21.73
C TYR A 273 3.64 -1.23 21.76
N TYR A 274 4.89 -1.28 21.35
CA TYR A 274 5.68 -0.06 21.21
C TYR A 274 5.05 0.83 20.16
N LYS A 275 4.73 0.24 19.00
CA LYS A 275 4.15 1.01 17.90
C LYS A 275 2.81 1.57 18.27
N LEU A 276 2.08 0.89 19.15
CA LEU A 276 0.80 1.40 19.62
C LEU A 276 0.94 2.82 20.19
N ASP A 277 1.95 3.03 21.05
CA ASP A 277 2.23 4.30 21.71
C ASP A 277 0.98 4.98 22.23
N LYS A 278 0.61 4.64 23.46
CA LYS A 278 -0.59 5.20 24.11
C LYS A 278 -1.91 4.90 23.40
N ARG A 279 -1.96 3.88 22.57
CA ARG A 279 -3.22 3.46 21.96
C ARG A 279 -3.62 2.13 22.54
N ILE A 280 -4.90 1.95 22.77
CA ILE A 280 -5.35 0.77 23.47
C ILE A 280 -6.41 0.00 22.71
N PRO A 281 -6.06 -1.22 22.27
CA PRO A 281 -6.96 -2.03 21.47
C PRO A 281 -7.87 -2.89 22.32
N LYS A 282 -9.09 -3.09 21.86
CA LYS A 282 -10.00 -4.03 22.47
C LYS A 282 -9.92 -5.36 21.74
N ALA A 283 -9.20 -5.44 20.61
CA ALA A 283 -9.14 -6.68 19.81
C ALA A 283 -7.72 -7.08 19.41
N ILE A 284 -7.51 -8.38 19.35
CA ILE A 284 -6.23 -9.00 19.07
C ILE A 284 -6.45 -10.18 18.15
N HIS A 285 -5.58 -10.29 17.16
CA HIS A 285 -5.65 -11.38 16.20
C HIS A 285 -4.29 -11.92 16.06
N VAL A 286 -4.21 -13.25 16.07
CA VAL A 286 -2.92 -13.94 15.82
C VAL A 286 -2.97 -14.46 14.40
N VAL A 287 -1.95 -14.14 13.63
CA VAL A 287 -1.86 -14.55 12.23
C VAL A 287 -0.65 -15.48 12.01
N ALA A 288 -0.86 -16.47 11.17
CA ALA A 288 0.16 -17.46 10.84
C ALA A 288 0.14 -17.62 9.33
N VAL A 289 1.32 -17.59 8.72
CA VAL A 289 1.46 -18.00 7.32
C VAL A 289 2.05 -19.40 7.36
N THR A 290 1.33 -20.33 6.73
CA THR A 290 1.71 -21.76 6.75
C THR A 290 2.79 -22.06 5.72
N GLU A 291 3.38 -23.25 5.85
CA GLU A 291 4.46 -23.70 4.95
C GLU A 291 4.18 -23.45 3.45
N ASP A 292 2.94 -23.64 3.00
CA ASP A 292 2.55 -23.43 1.59
C ASP A 292 1.85 -22.10 1.36
N LEU A 293 2.23 -21.09 2.16
CA LEU A 293 1.79 -19.70 1.99
C LEU A 293 0.28 -19.43 2.07
N ASP A 294 -0.49 -20.32 2.69
CA ASP A 294 -1.87 -19.98 3.05
C ASP A 294 -1.79 -19.20 4.36
N ILE A 295 -2.81 -18.40 4.63
CA ILE A 295 -2.85 -17.56 5.81
C ILE A 295 -4.03 -17.99 6.66
N VAL A 296 -3.79 -18.19 7.95
CA VAL A 296 -4.84 -18.50 8.94
C VAL A 296 -4.76 -17.57 10.15
N SER A 297 -5.91 -17.25 10.73
CA SER A 297 -5.92 -16.30 11.83
C SER A 297 -7.06 -16.51 12.80
N ARG A 298 -6.80 -16.16 14.06
CA ARG A 298 -7.74 -16.35 15.15
C ARG A 298 -7.75 -15.15 16.05
N GLY A 299 -8.94 -14.65 16.37
CA GLY A 299 -9.06 -13.42 17.09
C GLY A 299 -9.99 -13.44 18.28
N ARG A 300 -9.98 -12.33 19.00
CA ARG A 300 -10.86 -12.14 20.11
C ARG A 300 -11.06 -10.68 20.39
N THR A 301 -12.33 -10.28 20.53
CA THR A 301 -12.66 -8.94 21.00
C THR A 301 -12.96 -9.00 22.47
N PHE A 302 -12.44 -8.04 23.20
CA PHE A 302 -12.66 -7.94 24.62
C PHE A 302 -13.63 -6.80 24.88
N PRO A 303 -14.36 -6.88 26.00
CA PRO A 303 -15.18 -5.75 26.47
C PRO A 303 -14.37 -4.58 27.03
N HIS A 304 -13.06 -4.70 27.07
CA HIS A 304 -12.18 -3.65 27.60
C HIS A 304 -10.93 -3.71 26.77
N GLY A 305 -10.05 -2.76 26.99
CA GLY A 305 -8.77 -2.74 26.31
C GLY A 305 -7.81 -3.78 26.85
N ILE A 306 -6.76 -4.03 26.09
CA ILE A 306 -5.86 -5.14 26.35
C ILE A 306 -4.52 -4.69 26.94
N SER A 307 -4.15 -5.19 28.12
CA SER A 307 -2.83 -4.94 28.68
C SER A 307 -1.82 -5.79 27.95
N LYS A 308 -0.54 -5.48 28.13
CA LYS A 308 0.52 -6.25 27.50
C LYS A 308 0.48 -7.72 27.94
N GLU A 309 0.31 -7.96 29.23
CA GLU A 309 0.35 -9.34 29.75
C GLU A 309 -0.85 -10.13 29.24
N THR A 310 -1.97 -9.45 29.02
CA THR A 310 -3.18 -10.13 28.54
C THR A 310 -2.96 -10.56 27.12
N ALA A 311 -2.34 -9.69 26.35
CA ALA A 311 -2.01 -10.00 24.96
C ALA A 311 -1.10 -11.21 24.87
N TYR A 312 -0.09 -11.26 25.74
CA TYR A 312 0.82 -12.40 25.80
C TYR A 312 0.08 -13.72 25.96
N SER A 313 -0.69 -13.87 27.05
CA SER A 313 -1.39 -15.13 27.30
C SER A 313 -2.53 -15.43 26.32
N GLU A 314 -3.24 -14.39 25.88
CA GLU A 314 -4.33 -14.58 24.92
C GLU A 314 -3.83 -15.04 23.58
N SER A 315 -2.69 -14.50 23.16
CA SER A 315 -2.05 -14.92 21.91
C SER A 315 -1.64 -16.38 21.91
N VAL A 316 -1.18 -16.85 23.06
CA VAL A 316 -0.73 -18.21 23.15
C VAL A 316 -1.94 -19.13 22.99
N LYS A 317 -3.07 -18.77 23.58
CA LYS A 317 -4.27 -19.60 23.38
C LYS A 317 -4.70 -19.62 21.92
N LEU A 318 -4.71 -18.45 21.30
CA LEU A 318 -5.09 -18.33 19.89
C LEU A 318 -4.13 -19.09 19.01
N LEU A 319 -2.84 -19.06 19.33
CA LEU A 319 -1.86 -19.85 18.59
C LEU A 319 -2.12 -21.34 18.76
N GLN A 320 -2.42 -21.75 19.99
CA GLN A 320 -2.80 -23.13 20.28
C GLN A 320 -4.01 -23.53 19.46
N LYS A 321 -4.98 -22.65 19.35
CA LYS A 321 -6.18 -22.90 18.55
C LYS A 321 -5.85 -23.11 17.06
N ILE A 322 -4.95 -22.28 16.51
CA ILE A 322 -4.46 -22.43 15.13
C ILE A 322 -3.77 -23.77 14.91
N LEU A 323 -2.81 -24.10 15.75
CA LEU A 323 -2.17 -25.42 15.69
C LEU A 323 -3.15 -26.62 15.79
N GLU A 324 -4.11 -26.56 16.70
CA GLU A 324 -5.05 -27.68 16.86
C GLU A 324 -5.95 -27.82 15.63
N GLU A 325 -6.15 -26.73 14.89
CA GLU A 325 -7.09 -26.72 13.76
C GLU A 325 -6.48 -26.74 12.36
N ASP A 326 -5.14 -26.71 12.26
CA ASP A 326 -4.46 -26.90 10.98
C ASP A 326 -3.17 -27.66 11.24
N GLU A 327 -2.94 -28.71 10.45
CA GLU A 327 -1.84 -29.62 10.65
C GLU A 327 -0.54 -29.19 9.96
N ARG A 328 -0.58 -28.11 9.20
CA ARG A 328 0.61 -27.63 8.50
C ARG A 328 1.60 -26.94 9.45
N LYS A 329 2.85 -27.00 9.03
CA LYS A 329 3.91 -26.25 9.67
C LYS A 329 3.76 -24.75 9.39
N ILE A 330 4.30 -23.96 10.32
CA ILE A 330 4.10 -22.53 10.31
C ILE A 330 5.40 -21.88 9.91
N ARG A 331 5.30 -20.96 8.95
CA ARG A 331 6.45 -20.24 8.37
C ARG A 331 6.61 -18.87 9.00
N ARG A 332 5.55 -18.07 9.00
CA ARG A 332 5.57 -16.75 9.63
C ARG A 332 4.49 -16.70 10.73
N ILE A 333 4.75 -15.96 11.80
CA ILE A 333 3.78 -15.73 12.87
C ILE A 333 3.74 -14.26 13.29
N GLY A 334 2.55 -13.78 13.65
CA GLY A 334 2.40 -12.41 14.15
C GLY A 334 1.08 -12.05 14.78
N VAL A 335 0.98 -10.78 15.19
CA VAL A 335 -0.22 -10.22 15.78
C VAL A 335 -0.71 -8.99 15.04
N ARG A 336 -2.00 -8.75 15.19
CA ARG A 336 -2.61 -7.50 14.80
C ARG A 336 -3.44 -7.05 15.99
N PHE A 337 -3.42 -5.77 16.28
CA PHE A 337 -4.31 -5.17 17.26
C PHE A 337 -5.24 -4.16 16.62
N SER A 338 -6.48 -4.12 17.11
CA SER A 338 -7.52 -3.28 16.52
C SER A 338 -8.62 -2.87 17.54
N LYS A 339 -9.63 -2.16 17.07
CA LYS A 339 -10.76 -1.69 17.88
C LYS A 339 -10.30 -0.85 19.04
N PHE A 340 -9.57 0.21 18.70
CA PHE A 340 -9.03 1.08 19.71
C PHE A 340 -10.12 1.88 20.41
N ILE A 341 -9.86 2.19 21.69
CA ILE A 341 -10.83 2.84 22.56
C ILE A 341 -11.16 4.24 22.05
#